data_7PAY
#
_entry.id   7PAY
#
_cell.length_a   184.406
_cell.length_b   184.406
_cell.length_c   112.470
_cell.angle_alpha   90.00
_cell.angle_beta   90.00
_cell.angle_gamma   120.00
#
_symmetry.space_group_name_H-M   'H 3 2'
#
loop_
_entity.id
_entity.type
_entity.pdbx_description
1 polymer 'Dehydrodolichyl diphosphate synthase complex subunit DHDDS'
2 polymer 'Dehydrodolichyl diphosphate synthase complex subunit NUS1'
3 non-polymer 'SULFATE ION'
4 non-polymer 'MAGNESIUM ION'
5 non-polymer 'phosphonooxy-[(10E)-3,7,11,15-tetramethylhexadeca-2,6,10,14-tetraenyl]sulfanyl-phosphinic acid'
6 water water
#
loop_
_entity_poly.entity_id
_entity_poly.type
_entity_poly.pdbx_seq_one_letter_code
_entity_poly.pdbx_strand_id
1 'polypeptide(L)'
;GSGSGSGMSWIKEGELSLWERFCANIIKAGPMPKHIAFIMDGNRRYAKKCQVERQEGHSQGFNKLAETLRWCLNLGILEV
TVYAFSIENFKRSKSEVDGLMDLARQKFSRLMEEKEKLQKHGVCIRVLGDLHLLPLDLQELIAQAVQATKNYNKCFLNVC
FAYTSRHEISNAVREMAWGVEQGLLDPSDISESLLDKCLYTNRSPHPDILIRTSGEVRLSDFLLWQTSHSCLVFQPVLWP
EYTFWNLFEAILQFQMNHSVLQKARDMYAEERKRQQLERDQATVTEQLLREGLQASGDAQLRRTRLHKLSARREERVQGF
LQALELKRADWLARLGTASA
;
A
2 'polypeptide(L)'
;GSGSGSGRGGSCLAAAHHRMRWRADGRSLEKLPVHMGLVITEVEQEPSFSDIASLVVWCMAVGISYISVYDHQGIFKRNN
SRLMDEILKQQQELLGLDCSKDKDDQVLNCHLAVKVLSPEDGKADIVRAAQDFCQLVAQKQKRPTDLDVDTLASLLSSNG
CPDPDLVLKFGPVDSTLGFLPWHIRLTEIVSLPSHLNISYEDFFSALRQYAACEQRLGK
;
B
#
loop_
_chem_comp.id
_chem_comp.type
_chem_comp.name
_chem_comp.formula
GGS non-polymer 'phosphonooxy-[(10E)-3,7,11,15-tetramethylhexadeca-2,6,10,14-tetraenyl]sulfanyl-phosphinic acid' 'C20 H36 O6 P2 S'
MG non-polymer 'MAGNESIUM ION' 'Mg 2'
SO4 non-polymer 'SULFATE ION' 'O4 S -2'
#
# COMPACT_ATOMS: atom_id res chain seq x y z
N GLY A 7 29.62 7.53 -13.28
CA GLY A 7 30.18 6.98 -14.49
C GLY A 7 29.18 6.19 -15.31
N MET A 8 28.19 5.63 -14.63
CA MET A 8 27.17 4.82 -15.27
C MET A 8 26.03 5.69 -15.78
N SER A 9 25.21 5.11 -16.67
CA SER A 9 24.09 5.81 -17.26
C SER A 9 22.83 5.77 -16.40
N TRP A 10 22.80 4.95 -15.34
CA TRP A 10 21.64 4.84 -14.47
C TRP A 10 21.85 5.49 -13.11
N ILE A 11 23.07 5.95 -12.79
CA ILE A 11 23.34 6.70 -11.58
C ILE A 11 24.37 7.77 -11.93
N LYS A 12 23.96 9.03 -11.86
CA LYS A 12 24.86 10.13 -12.15
C LYS A 12 26.00 10.19 -11.16
N GLU A 13 27.15 10.67 -11.62
CA GLU A 13 28.34 10.83 -10.78
C GLU A 13 28.39 12.27 -10.29
N GLY A 14 28.37 12.45 -8.98
CA GLY A 14 28.41 13.79 -8.41
C GLY A 14 28.24 13.78 -6.90
N GLU A 15 28.98 14.62 -6.22
CA GLU A 15 28.93 14.71 -4.77
C GLU A 15 28.00 15.82 -4.35
N LEU A 16 27.61 15.78 -3.07
CA LEU A 16 26.74 16.82 -2.52
C LEU A 16 27.47 18.15 -2.44
N SER A 17 26.74 19.23 -2.73
CA SER A 17 27.26 20.56 -2.50
C SER A 17 27.42 20.79 -0.99
N LEU A 18 27.98 21.96 -0.65
CA LEU A 18 28.24 22.27 0.76
C LEU A 18 26.96 22.26 1.59
N TRP A 19 25.94 22.98 1.14
CA TRP A 19 24.70 23.07 1.90
C TRP A 19 23.99 21.72 1.97
N GLU A 20 23.94 20.99 0.85
CA GLU A 20 23.34 19.65 0.88
C GLU A 20 24.11 18.73 1.83
N ARG A 21 25.43 18.79 1.77
CA ARG A 21 26.24 17.94 2.65
CA ARG A 21 26.26 17.96 2.65
C ARG A 21 26.03 18.32 4.11
N PHE A 22 25.95 19.61 4.41
CA PHE A 22 25.78 20.08 5.79
C PHE A 22 24.45 19.62 6.37
N CYS A 23 23.34 19.90 5.68
CA CYS A 23 22.03 19.45 6.14
C CYS A 23 21.97 17.94 6.24
N ALA A 24 22.51 17.23 5.24
CA ALA A 24 22.59 15.78 5.29
C ALA A 24 23.24 15.32 6.59
N ASN A 25 24.41 15.90 6.92
CA ASN A 25 25.10 15.55 8.16
C ASN A 25 24.20 15.72 9.36
N ILE A 26 23.42 16.80 9.40
CA ILE A 26 22.54 17.07 10.53
C ILE A 26 21.46 16.01 10.64
N ILE A 27 20.74 15.72 9.55
CA ILE A 27 19.65 14.75 9.63
C ILE A 27 20.18 13.35 9.90
N LYS A 28 21.37 13.02 9.39
CA LYS A 28 21.92 11.69 9.63
C LYS A 28 22.20 11.44 11.11
N ALA A 29 22.02 12.44 11.97
CA ALA A 29 22.12 12.22 13.41
C ALA A 29 20.87 11.56 13.97
N GLY A 30 19.78 11.55 13.23
CA GLY A 30 18.57 10.89 13.65
C GLY A 30 18.30 9.67 12.79
N PRO A 31 17.10 9.07 12.94
CA PRO A 31 16.78 7.87 12.16
C PRO A 31 16.70 8.19 10.67
N MET A 32 17.34 7.35 9.87
CA MET A 32 17.33 7.60 8.45
C MET A 32 16.59 6.49 7.72
N PRO A 33 15.84 6.82 6.68
CA PRO A 33 15.12 5.78 5.93
C PRO A 33 16.10 4.80 5.29
N LYS A 34 15.71 3.52 5.29
CA LYS A 34 16.50 2.50 4.60
C LYS A 34 16.02 2.27 3.17
N HIS A 35 14.74 2.52 2.92
CA HIS A 35 14.09 2.17 1.66
C HIS A 35 13.07 3.24 1.35
N ILE A 36 13.21 3.89 0.20
CA ILE A 36 12.31 4.96 -0.22
C ILE A 36 11.68 4.57 -1.54
N ALA A 37 10.37 4.76 -1.65
CA ALA A 37 9.64 4.43 -2.86
C ALA A 37 9.10 5.71 -3.50
N PHE A 38 9.23 5.81 -4.82
CA PHE A 38 8.88 6.99 -5.59
C PHE A 38 7.78 6.66 -6.59
N ILE A 39 6.74 7.48 -6.62
CA ILE A 39 5.82 7.54 -7.74
C ILE A 39 6.24 8.75 -8.57
N MET A 40 6.92 8.48 -9.69
CA MET A 40 7.51 9.53 -10.51
C MET A 40 6.45 10.07 -11.46
N ASP A 41 5.78 11.12 -11.06
CA ASP A 41 4.60 11.59 -11.77
C ASP A 41 4.76 13.04 -12.20
N GLY A 42 4.15 13.38 -13.34
CA GLY A 42 4.13 14.73 -13.84
C GLY A 42 4.99 15.01 -15.05
N ASN A 43 5.50 13.98 -15.72
CA ASN A 43 6.40 14.19 -16.85
C ASN A 43 5.72 14.94 -17.97
N ARG A 44 4.46 14.60 -18.27
CA ARG A 44 3.82 15.18 -19.44
C ARG A 44 3.44 16.64 -19.21
N ARG A 45 2.91 16.97 -18.02
CA ARG A 45 2.68 18.37 -17.69
C ARG A 45 3.97 19.18 -17.75
N TYR A 46 5.09 18.57 -17.34
CA TYR A 46 6.37 19.25 -17.40
C TYR A 46 6.79 19.51 -18.84
N ALA A 47 6.57 18.54 -19.73
CA ALA A 47 6.89 18.75 -21.13
C ALA A 47 6.03 19.86 -21.72
N LYS A 48 4.74 19.87 -21.40
CA LYS A 48 3.87 20.94 -21.87
C LYS A 48 4.31 22.29 -21.30
N LYS A 49 4.84 22.30 -20.09
CA LYS A 49 5.26 23.55 -19.46
C LYS A 49 6.47 24.15 -20.15
N CYS A 50 7.43 23.30 -20.53
CA CYS A 50 8.64 23.72 -21.22
C CYS A 50 8.48 23.78 -22.74
N GLN A 51 7.29 23.45 -23.25
CA GLN A 51 7.01 23.44 -24.69
C GLN A 51 7.95 22.48 -25.43
N VAL A 52 8.10 21.27 -24.91
CA VAL A 52 8.82 20.20 -25.58
C VAL A 52 7.87 19.03 -25.79
N GLU A 53 8.30 18.10 -26.64
CA GLU A 53 7.50 16.92 -26.91
C GLU A 53 7.40 16.06 -25.65
N ARG A 54 6.31 15.28 -25.59
CA ARG A 54 6.08 14.45 -24.40
C ARG A 54 7.18 13.40 -24.23
N GLN A 55 7.84 13.00 -25.31
CA GLN A 55 8.93 12.05 -25.16
C GLN A 55 10.11 12.67 -24.42
N GLU A 56 10.33 13.98 -24.59
CA GLU A 56 11.42 14.64 -23.87
C GLU A 56 11.06 14.85 -22.40
N GLY A 57 9.77 15.02 -22.10
CA GLY A 57 9.35 15.01 -20.70
C GLY A 57 9.72 13.71 -20.01
N HIS A 58 9.47 12.59 -20.68
CA HIS A 58 9.79 11.30 -20.08
C HIS A 58 11.29 11.05 -20.03
N SER A 59 12.04 11.55 -21.01
CA SER A 59 13.49 11.38 -20.99
C SER A 59 14.12 12.24 -19.90
N GLN A 60 13.64 13.48 -19.74
CA GLN A 60 14.01 14.23 -18.55
C GLN A 60 13.64 13.47 -17.28
N GLY A 61 12.59 12.66 -17.34
CA GLY A 61 12.22 11.89 -16.18
C GLY A 61 13.25 10.83 -15.81
N PHE A 62 13.87 10.21 -16.82
CA PHE A 62 14.92 9.25 -16.51
C PHE A 62 16.16 9.95 -15.97
N ASN A 63 16.49 11.12 -16.53
CA ASN A 63 17.63 11.88 -16.01
C ASN A 63 17.45 12.20 -14.53
N LYS A 64 16.22 12.54 -14.13
CA LYS A 64 15.97 12.85 -12.73
C LYS A 64 16.07 11.60 -11.86
N LEU A 65 15.69 10.44 -12.39
CA LEU A 65 15.87 9.20 -11.64
C LEU A 65 17.33 8.97 -11.30
N ALA A 66 18.19 9.00 -12.32
CA ALA A 66 19.61 8.74 -12.11
C ALA A 66 20.20 9.74 -11.13
N GLU A 67 19.82 11.01 -11.25
CA GLU A 67 20.28 12.03 -10.31
C GLU A 67 19.76 11.78 -8.91
N THR A 68 18.50 11.29 -8.79
CA THR A 68 17.92 11.07 -7.47
C THR A 68 18.52 9.86 -6.79
N LEU A 69 18.83 8.81 -7.54
CA LEU A 69 19.55 7.66 -6.96
C LEU A 69 20.93 8.08 -6.46
N ARG A 70 21.57 9.04 -7.13
CA ARG A 70 22.83 9.58 -6.62
C ARG A 70 22.62 10.33 -5.30
N TRP A 71 21.52 11.07 -5.18
CA TRP A 71 21.21 11.73 -3.91
C TRP A 71 21.01 10.72 -2.78
N CYS A 72 20.19 9.69 -3.02
CA CYS A 72 19.97 8.64 -2.03
C CYS A 72 21.27 7.97 -1.63
N LEU A 73 22.09 7.60 -2.61
CA LEU A 73 23.36 6.96 -2.32
C LEU A 73 24.25 7.87 -1.49
N ASN A 74 24.23 9.17 -1.78
CA ASN A 74 25.03 10.10 -1.00
C ASN A 74 24.47 10.27 0.40
N LEU A 75 23.16 10.09 0.57
CA LEU A 75 22.52 10.16 1.88
C LEU A 75 22.56 8.84 2.63
N GLY A 76 23.19 7.81 2.07
CA GLY A 76 23.23 6.51 2.71
C GLY A 76 21.97 5.70 2.60
N ILE A 77 21.04 6.10 1.72
CA ILE A 77 19.80 5.36 1.48
C ILE A 77 20.04 4.43 0.28
N LEU A 78 20.14 3.13 0.57
CA LEU A 78 20.71 2.18 -0.38
C LEU A 78 19.67 1.37 -1.16
N GLU A 79 18.38 1.49 -0.85
CA GLU A 79 17.35 0.77 -1.61
C GLU A 79 16.25 1.73 -2.03
N VAL A 80 15.88 1.68 -3.31
CA VAL A 80 14.92 2.59 -3.92
C VAL A 80 13.98 1.79 -4.81
N THR A 81 12.68 2.04 -4.68
CA THR A 81 11.67 1.43 -5.54
C THR A 81 10.96 2.53 -6.31
N VAL A 82 10.83 2.37 -7.62
CA VAL A 82 10.24 3.41 -8.46
C VAL A 82 9.12 2.82 -9.31
N TYR A 83 8.09 3.62 -9.52
CA TYR A 83 6.94 3.26 -10.36
C TYR A 83 7.21 3.80 -11.76
N ALA A 84 7.75 2.95 -12.62
CA ALA A 84 8.11 3.36 -13.98
C ALA A 84 7.02 3.14 -15.00
N PHE A 85 6.19 2.11 -14.85
CA PHE A 85 5.15 1.87 -15.86
C PHE A 85 4.01 1.10 -15.23
N SER A 86 2.81 1.68 -15.27
CA SER A 86 1.61 1.02 -14.77
C SER A 86 0.98 0.16 -15.87
N ILE A 87 0.36 -0.95 -15.44
CA ILE A 87 -0.50 -1.72 -16.33
C ILE A 87 -1.57 -0.83 -16.92
N GLU A 88 -2.12 0.09 -16.12
CA GLU A 88 -3.09 1.05 -16.61
C GLU A 88 -2.52 1.94 -17.70
N ASN A 89 -1.19 2.13 -17.72
CA ASN A 89 -0.58 2.97 -18.76
C ASN A 89 -0.66 2.35 -20.13
N PHE A 90 -0.95 1.05 -20.24
CA PHE A 90 -1.16 0.43 -21.55
C PHE A 90 -2.33 1.06 -22.30
N LYS A 91 -3.21 1.78 -21.60
CA LYS A 91 -4.34 2.41 -22.25
C LYS A 91 -4.01 3.77 -22.86
N ARG A 92 -2.77 4.22 -22.75
CA ARG A 92 -2.35 5.39 -23.49
C ARG A 92 -2.23 5.06 -24.98
N SER A 93 -2.00 6.10 -25.79
CA SER A 93 -1.90 5.91 -27.23
C SER A 93 -0.70 5.04 -27.58
N LYS A 94 -0.80 4.38 -28.73
CA LYS A 94 0.32 3.57 -29.21
C LYS A 94 1.59 4.39 -29.32
N SER A 95 1.47 5.60 -29.87
CA SER A 95 2.61 6.50 -29.97
C SER A 95 3.25 6.74 -28.61
N GLU A 96 2.44 6.99 -27.59
CA GLU A 96 3.01 7.22 -26.27
C GLU A 96 3.49 5.93 -25.64
N VAL A 97 2.72 4.85 -25.75
CA VAL A 97 3.17 3.56 -25.23
C VAL A 97 4.45 3.13 -25.92
N ASP A 98 4.51 3.26 -27.25
CA ASP A 98 5.73 2.97 -27.99
C ASP A 98 6.90 3.81 -27.48
N GLY A 99 6.65 5.09 -27.19
CA GLY A 99 7.72 5.95 -26.72
C GLY A 99 8.31 5.49 -25.40
N LEU A 100 7.46 4.96 -24.51
CA LEU A 100 7.95 4.53 -23.21
C LEU A 100 8.67 3.19 -23.30
N MET A 101 8.13 2.25 -24.09
CA MET A 101 8.85 1.00 -24.34
C MET A 101 10.21 1.27 -24.99
N ASP A 102 10.25 2.19 -25.96
CA ASP A 102 11.51 2.53 -26.61
C ASP A 102 12.51 3.13 -25.62
N LEU A 103 12.02 3.97 -24.70
CA LEU A 103 12.88 4.53 -23.66
C LEU A 103 13.46 3.41 -22.80
N ALA A 104 12.63 2.45 -22.40
CA ALA A 104 13.10 1.32 -21.60
C ALA A 104 14.04 0.43 -22.40
N ARG A 105 13.77 0.25 -23.70
CA ARG A 105 14.72 -0.48 -24.53
C ARG A 105 16.08 0.22 -24.54
N GLN A 106 16.08 1.55 -24.61
CA GLN A 106 17.34 2.27 -24.67
C GLN A 106 18.03 2.32 -23.31
N LYS A 107 17.27 2.54 -22.23
CA LYS A 107 17.86 2.66 -20.90
C LYS A 107 18.37 1.33 -20.38
N PHE A 108 17.52 0.30 -20.39
CA PHE A 108 18.07 -1.05 -20.36
C PHE A 108 18.98 -1.22 -21.58
N SER A 109 19.84 -2.23 -21.54
CA SER A 109 20.86 -2.45 -22.57
C SER A 109 22.00 -1.45 -22.43
N ARG A 110 21.68 -0.16 -22.27
CA ARG A 110 22.70 0.76 -21.79
C ARG A 110 23.23 0.30 -20.44
N LEU A 111 22.34 -0.17 -19.57
CA LEU A 111 22.74 -0.88 -18.35
C LEU A 111 23.73 -1.99 -18.65
N MET A 112 23.46 -2.77 -19.71
CA MET A 112 24.33 -3.90 -20.04
C MET A 112 25.68 -3.44 -20.56
N GLU A 113 25.70 -2.40 -21.41
CA GLU A 113 26.97 -1.81 -21.82
C GLU A 113 27.77 -1.34 -20.61
N GLU A 114 27.08 -0.76 -19.62
CA GLU A 114 27.71 -0.26 -18.41
C GLU A 114 27.86 -1.33 -17.34
N LYS A 115 27.82 -2.61 -17.71
CA LYS A 115 28.13 -3.67 -16.77
C LYS A 115 29.58 -3.53 -16.31
N GLU A 116 29.95 -4.35 -15.31
CA GLU A 116 31.23 -4.27 -14.62
C GLU A 116 31.32 -2.96 -13.82
N LYS A 117 30.86 -1.84 -14.40
CA LYS A 117 30.65 -0.65 -13.61
C LYS A 117 29.50 -0.82 -12.62
N LEU A 118 28.53 -1.68 -12.95
CA LEU A 118 27.55 -2.09 -11.95
C LEU A 118 28.17 -3.06 -10.96
N GLN A 119 29.00 -3.98 -11.46
CA GLN A 119 29.68 -4.91 -10.57
C GLN A 119 30.66 -4.18 -9.66
N LYS A 120 31.18 -3.04 -10.10
CA LYS A 120 32.10 -2.27 -9.26
C LYS A 120 31.37 -1.59 -8.11
N HIS A 121 30.18 -1.07 -8.37
CA HIS A 121 29.42 -0.35 -7.34
C HIS A 121 28.44 -1.26 -6.60
N GLY A 122 28.32 -2.52 -6.99
CA GLY A 122 27.45 -3.46 -6.29
C GLY A 122 25.98 -3.17 -6.45
N VAL A 123 25.56 -2.74 -7.63
CA VAL A 123 24.19 -2.30 -7.87
C VAL A 123 23.36 -3.51 -8.26
N CYS A 124 22.34 -3.82 -7.47
CA CYS A 124 21.43 -4.89 -7.84
C CYS A 124 20.16 -4.26 -8.41
N ILE A 125 19.79 -4.72 -9.60
CA ILE A 125 18.66 -4.17 -10.35
C ILE A 125 17.59 -5.25 -10.43
N ARG A 126 16.41 -4.95 -9.90
CA ARG A 126 15.27 -5.84 -9.94
C ARG A 126 14.14 -5.13 -10.65
N VAL A 127 13.40 -5.88 -11.47
CA VAL A 127 12.29 -5.35 -12.25
C VAL A 127 11.07 -6.18 -11.89
N LEU A 128 10.06 -5.54 -11.33
CA LEU A 128 8.93 -6.23 -10.71
C LEU A 128 7.64 -5.84 -11.42
N GLY A 129 6.83 -6.83 -11.75
CA GLY A 129 5.56 -6.58 -12.38
C GLY A 129 5.08 -7.81 -13.13
N ASP A 130 3.90 -7.68 -13.72
CA ASP A 130 3.35 -8.74 -14.56
C ASP A 130 4.05 -8.65 -15.91
N LEU A 131 5.30 -9.12 -15.93
CA LEU A 131 6.21 -8.82 -17.04
C LEU A 131 5.84 -9.53 -18.34
N HIS A 132 4.90 -10.48 -18.31
CA HIS A 132 4.50 -11.16 -19.53
C HIS A 132 3.74 -10.25 -20.48
N LEU A 133 3.25 -9.09 -20.03
CA LEU A 133 2.54 -8.19 -20.92
C LEU A 133 3.46 -7.29 -21.71
N LEU A 134 4.76 -7.35 -21.45
CA LEU A 134 5.72 -6.52 -22.16
C LEU A 134 6.12 -7.19 -23.46
N PRO A 135 6.62 -6.42 -24.41
CA PRO A 135 7.19 -7.02 -25.63
C PRO A 135 8.25 -8.05 -25.27
N LEU A 136 8.29 -9.13 -26.04
CA LEU A 136 9.17 -10.26 -25.72
C LEU A 136 10.63 -9.82 -25.69
N ASP A 137 11.03 -8.95 -26.62
CA ASP A 137 12.41 -8.46 -26.59
C ASP A 137 12.69 -7.72 -25.30
N LEU A 138 11.75 -6.90 -24.84
CA LEU A 138 11.92 -6.15 -23.60
C LEU A 138 12.03 -7.09 -22.40
N GLN A 139 11.32 -8.21 -22.42
CA GLN A 139 11.44 -9.19 -21.36
C GLN A 139 12.84 -9.79 -21.31
N GLU A 140 13.35 -10.20 -22.47
CA GLU A 140 14.68 -10.81 -22.50
C GLU A 140 15.74 -9.82 -22.05
N LEU A 141 15.57 -8.55 -22.42
CA LEU A 141 16.55 -7.54 -22.04
C LEU A 141 16.45 -7.21 -20.55
N ILE A 142 15.23 -7.14 -20.02
CA ILE A 142 15.06 -7.02 -18.57
C ILE A 142 15.71 -8.21 -17.87
N ALA A 143 15.40 -9.42 -18.33
CA ALA A 143 15.93 -10.63 -17.70
C ALA A 143 17.46 -10.65 -17.68
N GLN A 144 18.09 -10.17 -18.76
CA GLN A 144 19.55 -10.15 -18.80
C GLN A 144 20.12 -9.18 -17.77
N ALA A 145 19.49 -8.02 -17.60
CA ALA A 145 19.95 -7.07 -16.59
C ALA A 145 19.74 -7.63 -15.19
N VAL A 146 18.58 -8.24 -14.94
CA VAL A 146 18.32 -8.78 -13.60
C VAL A 146 19.25 -9.94 -13.31
N GLN A 147 19.47 -10.82 -14.29
CA GLN A 147 20.37 -11.95 -14.07
C GLN A 147 21.78 -11.49 -13.75
N ALA A 148 22.26 -10.46 -14.46
CA ALA A 148 23.64 -10.03 -14.30
C ALA A 148 23.90 -9.45 -12.90
N THR A 149 22.95 -8.66 -12.36
CA THR A 149 23.12 -8.00 -11.08
C THR A 149 22.52 -8.80 -9.92
N LYS A 150 22.29 -10.09 -10.12
CA LYS A 150 21.62 -10.90 -9.10
C LYS A 150 22.41 -10.96 -7.80
N ASN A 151 23.74 -11.05 -7.90
CA ASN A 151 24.60 -11.27 -6.73
C ASN A 151 25.24 -10.00 -6.21
N TYR A 152 24.67 -8.83 -6.49
CA TYR A 152 25.21 -7.56 -6.03
C TYR A 152 24.37 -7.05 -4.86
N ASN A 153 25.04 -6.36 -3.92
CA ASN A 153 24.35 -6.02 -2.67
C ASN A 153 24.81 -4.71 -2.04
N LYS A 154 25.47 -3.81 -2.76
CA LYS A 154 25.83 -2.54 -2.16
C LYS A 154 24.69 -1.53 -2.24
N CYS A 155 23.79 -1.68 -3.21
CA CYS A 155 22.59 -0.87 -3.28
C CYS A 155 21.61 -1.55 -4.20
N PHE A 156 20.34 -1.15 -4.09
CA PHE A 156 19.22 -1.85 -4.70
C PHE A 156 18.26 -0.87 -5.34
N LEU A 157 17.91 -1.10 -6.60
CA LEU A 157 16.90 -0.31 -7.30
C LEU A 157 15.87 -1.26 -7.88
N ASN A 158 14.60 -1.05 -7.52
CA ASN A 158 13.50 -1.88 -7.99
C ASN A 158 12.65 -1.06 -8.96
N VAL A 159 12.69 -1.42 -10.23
CA VAL A 159 11.85 -0.80 -11.25
C VAL A 159 10.55 -1.59 -11.34
N CYS A 160 9.44 -0.95 -11.02
CA CYS A 160 8.11 -1.53 -11.20
C CYS A 160 7.61 -1.25 -12.61
N PHE A 161 7.64 -2.27 -13.45
CA PHE A 161 7.33 -2.15 -14.87
C PHE A 161 6.14 -3.05 -15.20
N ALA A 162 5.11 -2.47 -15.78
CA ALA A 162 3.85 -3.17 -16.02
C ALA A 162 3.35 -3.78 -14.72
N TYR A 163 3.27 -2.92 -13.70
CA TYR A 163 3.00 -3.30 -12.33
C TYR A 163 1.74 -2.61 -11.82
N THR A 164 0.90 -3.35 -11.10
CA THR A 164 -0.04 -2.77 -10.16
C THR A 164 0.01 -3.58 -8.88
N SER A 165 -0.45 -2.96 -7.79
CA SER A 165 -0.42 -3.61 -6.48
C SER A 165 -1.44 -4.74 -6.42
N ARG A 166 -2.63 -4.53 -6.98
CA ARG A 166 -3.65 -5.58 -7.00
C ARG A 166 -3.17 -6.78 -7.80
N HIS A 167 -2.57 -6.55 -8.97
CA HIS A 167 -2.00 -7.65 -9.74
C HIS A 167 -0.91 -8.35 -8.95
N GLU A 168 -0.07 -7.59 -8.23
CA GLU A 168 0.95 -8.21 -7.40
C GLU A 168 0.33 -9.01 -6.26
N ILE A 169 -0.69 -8.46 -5.61
CA ILE A 169 -1.32 -9.16 -4.49
C ILE A 169 -2.06 -10.38 -5.00
N SER A 170 -2.79 -10.24 -6.11
CA SER A 170 -3.51 -11.38 -6.69
C SER A 170 -2.54 -12.48 -7.09
N ASN A 171 -1.35 -12.12 -7.58
CA ASN A 171 -0.37 -13.13 -7.93
C ASN A 171 0.18 -13.82 -6.70
N ALA A 172 0.36 -13.08 -5.60
CA ALA A 172 0.87 -13.68 -4.37
C ALA A 172 -0.10 -14.73 -3.83
N VAL A 173 -1.40 -14.44 -3.91
CA VAL A 173 -2.40 -15.43 -3.51
C VAL A 173 -2.31 -16.65 -4.43
N ARG A 174 -2.22 -16.40 -5.74
CA ARG A 174 -2.14 -17.49 -6.70
C ARG A 174 -0.94 -18.39 -6.43
N GLU A 175 0.19 -17.80 -6.04
CA GLU A 175 1.35 -18.61 -5.68
C GLU A 175 1.07 -19.46 -4.45
N MET A 176 0.43 -18.88 -3.43
CA MET A 176 0.06 -19.66 -2.27
C MET A 176 -0.95 -20.75 -2.64
N ALA A 177 -1.89 -20.43 -3.54
CA ALA A 177 -2.82 -21.45 -4.01
C ALA A 177 -2.10 -22.52 -4.82
N TRP A 178 -1.12 -22.11 -5.64
CA TRP A 178 -0.30 -23.08 -6.35
C TRP A 178 0.42 -24.01 -5.37
N GLY A 179 0.93 -23.47 -4.27
CA GLY A 179 1.58 -24.32 -3.28
C GLY A 179 0.64 -25.32 -2.67
N VAL A 180 -0.61 -24.91 -2.44
CA VAL A 180 -1.63 -25.84 -1.97
C VAL A 180 -1.93 -26.89 -3.04
N GLU A 181 -2.08 -26.44 -4.30
CA GLU A 181 -2.39 -27.38 -5.38
C GLU A 181 -1.30 -28.43 -5.54
N GLN A 182 -0.05 -28.03 -5.39
CA GLN A 182 1.07 -28.95 -5.51
C GLN A 182 1.37 -29.72 -4.23
N GLY A 183 0.68 -29.43 -3.14
CA GLY A 183 0.91 -30.12 -1.89
C GLY A 183 2.01 -29.54 -1.02
N LEU A 184 2.50 -28.33 -1.32
CA LEU A 184 3.55 -27.73 -0.49
C LEU A 184 3.01 -27.12 0.78
N LEU A 185 1.74 -26.71 0.78
CA LEU A 185 1.15 -25.99 1.89
C LEU A 185 -0.25 -26.50 2.17
N ASP A 186 -0.64 -26.45 3.45
CA ASP A 186 -2.04 -26.54 3.80
C ASP A 186 -2.65 -25.14 3.77
N PRO A 187 -3.94 -25.01 3.44
CA PRO A 187 -4.55 -23.67 3.41
C PRO A 187 -4.44 -22.93 4.74
N SER A 188 -4.35 -23.65 5.86
CA SER A 188 -4.17 -23.00 7.16
C SER A 188 -2.78 -22.40 7.34
N ASP A 189 -1.85 -22.66 6.42
CA ASP A 189 -0.51 -22.10 6.50
C ASP A 189 -0.46 -20.65 6.04
N ILE A 190 -1.46 -20.22 5.26
CA ILE A 190 -1.48 -18.85 4.77
C ILE A 190 -1.45 -17.88 5.93
N SER A 191 -0.59 -16.88 5.83
CA SER A 191 -0.49 -15.85 6.85
C SER A 191 -0.08 -14.55 6.18
N GLU A 192 -0.28 -13.45 6.92
CA GLU A 192 0.17 -12.16 6.44
C GLU A 192 1.66 -12.18 6.10
N SER A 193 2.46 -12.82 6.95
CA SER A 193 3.90 -12.89 6.69
C SER A 193 4.19 -13.75 5.48
N LEU A 194 3.39 -14.80 5.25
CA LEU A 194 3.59 -15.61 4.06
C LEU A 194 3.25 -14.82 2.80
N LEU A 195 2.15 -14.07 2.82
CA LEU A 195 1.83 -13.25 1.66
C LEU A 195 2.93 -12.23 1.40
N ASP A 196 3.57 -11.72 2.45
CA ASP A 196 4.72 -10.82 2.27
C ASP A 196 5.79 -11.47 1.40
N LYS A 197 6.09 -12.75 1.65
CA LYS A 197 7.18 -13.41 0.95
C LYS A 197 6.80 -13.89 -0.44
N CYS A 198 5.55 -13.72 -0.86
CA CYS A 198 5.13 -14.09 -2.21
C CYS A 198 4.95 -12.88 -3.13
N LEU A 199 5.12 -11.67 -2.62
CA LEU A 199 5.10 -10.49 -3.47
C LEU A 199 6.39 -10.41 -4.29
N TYR A 200 6.34 -9.63 -5.37
CA TYR A 200 7.55 -9.35 -6.13
C TYR A 200 8.59 -8.64 -5.29
N THR A 201 8.16 -7.78 -4.36
CA THR A 201 9.06 -7.00 -3.52
C THR A 201 9.66 -7.80 -2.39
N ASN A 202 9.54 -9.14 -2.42
CA ASN A 202 9.84 -9.96 -1.25
C ASN A 202 11.31 -9.89 -0.83
N ARG A 203 12.20 -9.43 -1.70
CA ARG A 203 13.60 -9.30 -1.32
C ARG A 203 13.89 -8.01 -0.56
N SER A 204 12.95 -7.07 -0.51
CA SER A 204 13.25 -5.80 0.15
C SER A 204 12.33 -5.56 1.32
N PRO A 205 12.78 -4.84 2.34
CA PRO A 205 11.88 -4.41 3.40
C PRO A 205 10.88 -3.38 2.89
N HIS A 206 9.77 -3.27 3.62
CA HIS A 206 8.72 -2.34 3.22
C HIS A 206 9.26 -0.91 3.26
N PRO A 207 8.82 -0.05 2.34
CA PRO A 207 9.41 1.29 2.25
C PRO A 207 9.17 2.10 3.52
N ASP A 208 10.19 2.88 3.91
CA ASP A 208 9.98 3.82 5.01
C ASP A 208 9.18 5.02 4.54
N ILE A 209 9.37 5.43 3.28
CA ILE A 209 8.71 6.60 2.72
C ILE A 209 8.10 6.22 1.38
N LEU A 210 6.89 6.69 1.15
CA LEU A 210 6.32 6.74 -0.19
C LEU A 210 6.27 8.22 -0.57
N ILE A 211 6.88 8.56 -1.70
CA ILE A 211 6.85 9.90 -2.26
C ILE A 211 6.05 9.85 -3.56
N ARG A 212 5.06 10.72 -3.69
CA ARG A 212 4.38 10.93 -4.97
C ARG A 212 4.48 12.41 -5.32
N THR A 213 4.91 12.69 -6.54
CA THR A 213 5.11 14.04 -7.00
C THR A 213 3.88 14.51 -7.78
N SER A 214 3.92 15.78 -8.21
CA SER A 214 2.78 16.49 -8.79
C SER A 214 1.67 16.58 -7.76
N GLY A 215 0.58 17.25 -8.10
CA GLY A 215 -0.39 17.48 -7.04
C GLY A 215 -1.30 16.34 -6.64
N GLU A 216 -1.03 15.10 -7.04
CA GLU A 216 -1.98 14.01 -6.85
C GLU A 216 -1.84 13.39 -5.46
N VAL A 217 -2.97 13.31 -4.74
CA VAL A 217 -2.97 12.73 -3.40
C VAL A 217 -3.61 11.35 -3.40
N ARG A 218 -3.12 10.47 -4.26
CA ARG A 218 -3.58 9.08 -4.29
C ARG A 218 -2.39 8.17 -4.57
N LEU A 219 -2.55 6.88 -4.27
CA LEU A 219 -1.46 5.90 -4.40
C LEU A 219 -1.41 5.20 -5.74
N SER A 220 -2.49 5.24 -6.52
CA SER A 220 -2.54 4.73 -7.89
C SER A 220 -1.99 3.30 -7.98
N ASP A 221 -2.52 2.42 -7.13
CA ASP A 221 -2.26 0.99 -7.20
C ASP A 221 -0.76 0.67 -7.09
N PHE A 222 -0.08 1.34 -6.18
CA PHE A 222 1.36 1.17 -6.00
C PHE A 222 1.65 0.78 -4.56
N LEU A 223 2.20 -0.42 -4.38
CA LEU A 223 2.72 -0.87 -3.09
C LEU A 223 1.70 -0.68 -1.98
N LEU A 224 0.43 -1.01 -2.27
CA LEU A 224 -0.62 -0.84 -1.27
C LEU A 224 -0.35 -1.69 -0.03
N TRP A 225 -0.03 -2.96 -0.24
CA TRP A 225 0.34 -3.83 0.88
C TRP A 225 1.57 -3.29 1.60
N GLN A 226 2.58 -2.85 0.85
CA GLN A 226 3.88 -2.56 1.46
C GLN A 226 3.90 -1.22 2.19
N THR A 227 3.09 -0.24 1.77
CA THR A 227 3.13 1.10 2.34
C THR A 227 2.01 1.34 3.34
N SER A 228 1.55 0.29 4.02
CA SER A 228 0.44 0.43 4.94
C SER A 228 0.84 1.20 6.19
N HIS A 229 2.12 1.19 6.55
CA HIS A 229 2.66 1.91 7.69
C HIS A 229 3.85 2.78 7.30
N SER A 230 3.90 3.20 6.04
CA SER A 230 4.98 4.00 5.52
C SER A 230 4.63 5.48 5.62
N CYS A 231 5.65 6.31 5.82
CA CYS A 231 5.46 7.75 5.76
C CYS A 231 5.05 8.14 4.35
N LEU A 232 3.85 8.67 4.21
CA LEU A 232 3.34 9.13 2.91
C LEU A 232 3.64 10.62 2.74
N VAL A 233 4.32 10.96 1.66
CA VAL A 233 4.70 12.34 1.36
C VAL A 233 4.20 12.67 -0.04
N PHE A 234 3.32 13.65 -0.13
CA PHE A 234 2.78 14.14 -1.40
C PHE A 234 3.36 15.52 -1.68
N GLN A 235 4.08 15.65 -2.80
CA GLN A 235 4.71 16.92 -3.08
C GLN A 235 4.26 17.46 -4.43
N PRO A 236 3.94 18.76 -4.50
CA PRO A 236 3.38 19.31 -5.74
C PRO A 236 4.33 19.28 -6.93
N VAL A 237 5.64 19.26 -6.68
CA VAL A 237 6.62 19.41 -7.75
C VAL A 237 6.43 18.36 -8.83
N LEU A 238 6.58 18.75 -10.09
CA LEU A 238 6.57 17.78 -11.18
C LEU A 238 7.87 16.98 -11.18
N TRP A 239 7.77 15.69 -11.49
CA TRP A 239 8.92 14.81 -11.28
C TRP A 239 10.18 15.24 -12.00
N PRO A 240 10.17 15.66 -13.26
CA PRO A 240 11.43 16.07 -13.91
C PRO A 240 12.06 17.30 -13.26
N GLU A 241 11.36 17.97 -12.37
CA GLU A 241 11.90 19.13 -11.65
C GLU A 241 12.21 18.79 -10.19
N TYR A 242 12.25 17.52 -9.84
CA TYR A 242 12.58 17.14 -8.47
C TYR A 242 13.96 17.64 -8.09
N THR A 243 14.10 18.14 -6.87
CA THR A 243 15.37 18.64 -6.37
C THR A 243 15.81 17.87 -5.14
N PHE A 244 17.08 18.03 -4.80
CA PHE A 244 17.58 17.46 -3.55
C PHE A 244 16.71 17.89 -2.37
N TRP A 245 16.20 19.12 -2.39
CA TRP A 245 15.47 19.64 -1.24
C TRP A 245 14.06 19.05 -1.13
N ASN A 246 13.41 18.74 -2.26
CA ASN A 246 12.19 17.93 -2.20
C ASN A 246 12.46 16.62 -1.47
N LEU A 247 13.54 15.94 -1.85
CA LEU A 247 13.91 14.70 -1.19
C LEU A 247 14.20 14.93 0.28
N PHE A 248 14.96 15.99 0.59
CA PHE A 248 15.28 16.34 1.98
C PHE A 248 14.02 16.58 2.79
N GLU A 249 13.08 17.35 2.23
CA GLU A 249 11.83 17.62 2.93
C GLU A 249 11.09 16.33 3.26
N ALA A 250 11.08 15.37 2.33
CA ALA A 250 10.40 14.11 2.57
C ALA A 250 11.06 13.34 3.71
N ILE A 251 12.38 13.41 3.80
CA ILE A 251 13.10 12.73 4.87
C ILE A 251 12.79 13.37 6.21
N LEU A 252 12.72 14.71 6.24
CA LEU A 252 12.33 15.41 7.46
C LEU A 252 10.94 14.98 7.90
N GLN A 253 10.03 14.79 6.95
CA GLN A 253 8.71 14.28 7.28
C GLN A 253 8.82 12.90 7.94
N PHE A 254 9.63 12.02 7.36
CA PHE A 254 9.85 10.71 7.94
C PHE A 254 10.37 10.81 9.37
N GLN A 255 11.38 11.67 9.59
CA GLN A 255 11.93 11.83 10.92
C GLN A 255 10.91 12.35 11.92
N MET A 256 9.96 13.18 11.47
CA MET A 256 8.93 13.70 12.37
C MET A 256 7.94 12.60 12.76
N ASN A 257 7.62 11.71 11.83
CA ASN A 257 6.68 10.63 12.07
C ASN A 257 7.32 9.41 12.70
N HIS A 258 8.65 9.34 12.75
CA HIS A 258 9.32 8.05 12.96
C HIS A 258 8.92 7.39 14.27
N SER A 259 8.85 8.15 15.36
CA SER A 259 8.66 7.53 16.66
C SER A 259 7.25 6.97 16.80
N VAL A 260 6.24 7.75 16.38
CA VAL A 260 4.87 7.25 16.44
C VAL A 260 4.65 6.16 15.40
N LEU A 261 5.25 6.31 14.21
CA LEU A 261 5.05 5.30 13.17
C LEU A 261 5.68 3.97 13.56
N GLN A 262 6.82 4.00 14.27
CA GLN A 262 7.42 2.77 14.75
C GLN A 262 6.64 2.19 15.92
N LYS A 263 6.07 3.05 16.78
CA LYS A 263 5.21 2.57 17.84
C LYS A 263 3.98 1.86 17.27
N ALA A 264 3.34 2.49 16.27
CA ALA A 264 2.22 1.84 15.60
C ALA A 264 2.65 0.55 14.90
N ARG A 265 3.79 0.59 14.20
CA ARG A 265 4.31 -0.60 13.54
C ARG A 265 4.59 -1.72 14.54
N ASP A 266 5.15 -1.37 15.70
CA ASP A 266 5.46 -2.38 16.70
C ASP A 266 4.20 -2.96 17.31
N MET A 267 3.20 -2.12 17.57
CA MET A 267 1.98 -2.63 18.20
C MET A 267 1.14 -3.45 17.24
N TYR A 268 1.16 -3.11 15.94
CA TYR A 268 0.52 -3.95 14.94
C TYR A 268 1.13 -5.35 14.94
N ALA A 269 2.46 -5.44 14.93
CA ALA A 269 3.11 -6.73 14.95
C ALA A 269 2.90 -7.45 16.28
N GLU A 270 2.90 -6.69 17.38
CA GLU A 270 2.60 -7.28 18.68
C GLU A 270 1.18 -7.83 18.71
N GLU A 271 0.24 -7.12 18.07
CA GLU A 271 -1.15 -7.57 18.09
C GLU A 271 -1.38 -8.71 17.10
N ARG A 272 -0.72 -8.66 15.94
CA ARG A 272 -0.88 -9.73 14.96
C ARG A 272 -0.36 -11.06 15.51
N LYS A 273 0.79 -11.03 16.18
CA LYS A 273 1.33 -12.25 16.78
C LYS A 273 0.48 -12.73 17.93
N ARG A 274 -0.11 -11.81 18.70
CA ARG A 274 -0.97 -12.20 19.81
C ARG A 274 -2.24 -12.87 19.30
N GLN A 275 -2.83 -12.36 18.21
CA GLN A 275 -4.02 -12.99 17.67
C GLN A 275 -3.71 -14.33 17.02
N GLN A 276 -2.50 -14.49 16.48
CA GLN A 276 -2.09 -15.79 15.96
C GLN A 276 -1.89 -16.79 17.08
N LEU A 277 -1.42 -16.34 18.24
CA LEU A 277 -1.27 -17.24 19.38
C LEU A 277 -2.64 -17.74 19.85
N GLU A 278 -3.62 -16.84 19.94
CA GLU A 278 -4.97 -17.24 20.34
C GLU A 278 -5.56 -18.23 19.34
N ARG A 279 -5.36 -17.98 18.05
CA ARG A 279 -5.92 -18.87 17.03
C ARG A 279 -5.32 -20.26 17.14
N ASP A 280 -4.01 -20.35 17.37
CA ASP A 280 -3.36 -21.65 17.50
C ASP A 280 -3.64 -22.27 18.86
N GLN A 281 -3.74 -21.46 19.92
CA GLN A 281 -4.11 -21.99 21.22
C GLN A 281 -5.47 -22.67 21.16
N ALA A 282 -6.45 -22.02 20.52
CA ALA A 282 -7.77 -22.62 20.39
C ALA A 282 -7.74 -23.85 19.48
N THR A 283 -6.90 -23.86 18.45
CA THR A 283 -6.78 -25.04 17.60
C THR A 283 -6.19 -26.21 18.36
N VAL A 284 -5.16 -25.94 19.18
CA VAL A 284 -4.56 -27.01 19.99
C VAL A 284 -5.60 -27.59 20.94
N THR A 285 -6.48 -26.74 21.47
CA THR A 285 -7.53 -27.24 22.36
C THR A 285 -8.61 -28.00 21.60
N GLU A 286 -8.92 -27.57 20.37
CA GLU A 286 -9.94 -28.25 19.59
C GLU A 286 -9.55 -29.69 19.31
N GLN A 287 -8.29 -29.93 18.92
CA GLN A 287 -7.79 -31.29 18.78
C GLN A 287 -7.62 -31.98 20.12
N LEU A 288 -7.48 -31.20 21.20
CA LEU A 288 -7.36 -31.75 22.55
C LEU A 288 -8.72 -31.97 23.20
N LEU A 289 -9.67 -31.07 22.97
CA LEU A 289 -11.03 -31.32 23.45
C LEU A 289 -11.65 -32.50 22.73
N ARG A 290 -11.42 -32.61 21.42
CA ARG A 290 -11.74 -33.83 20.71
C ARG A 290 -10.72 -34.90 21.03
N GLU A 291 -11.12 -36.16 20.86
CA GLU A 291 -10.28 -37.29 21.24
C GLU A 291 -9.86 -37.18 22.70
N GLY A 292 -10.78 -37.48 23.61
CA GLY A 292 -10.50 -37.36 25.02
C GLY A 292 -10.44 -35.91 25.48
N LEU A 293 -10.25 -35.73 26.78
CA LEU A 293 -10.13 -34.42 27.40
C LEU A 293 -8.69 -34.19 27.83
N GLN A 294 -8.24 -32.94 27.71
CA GLN A 294 -6.89 -32.58 28.09
C GLN A 294 -6.69 -32.68 29.59
N ALA A 295 -7.36 -31.79 30.34
CA ALA A 295 -7.23 -31.72 31.79
C ALA A 295 -5.77 -31.60 32.21
N SER A 296 -4.99 -30.89 31.40
CA SER A 296 -3.55 -30.76 31.59
C SER A 296 -3.17 -29.28 31.62
N GLY A 297 -2.26 -28.95 32.54
CA GLY A 297 -1.70 -29.92 33.45
C GLY A 297 -0.19 -29.84 33.59
N ASP A 298 0.36 -30.72 34.42
CA ASP A 298 1.80 -30.69 34.68
C ASP A 298 2.60 -31.20 33.47
N ALA A 299 2.04 -32.15 32.72
CA ALA A 299 2.76 -32.73 31.58
C ALA A 299 2.98 -31.74 30.45
N GLN A 300 2.37 -30.55 30.50
CA GLN A 300 2.56 -29.50 29.49
C GLN A 300 2.24 -30.01 28.09
N LEU A 301 1.13 -30.74 27.96
CA LEU A 301 0.76 -31.32 26.67
C LEU A 301 0.42 -30.23 25.65
N ARG A 302 -0.38 -29.24 26.06
CA ARG A 302 -0.72 -28.14 25.16
C ARG A 302 0.54 -27.41 24.70
N ARG A 303 1.55 -27.31 25.56
CA ARG A 303 2.77 -26.60 25.20
C ARG A 303 3.51 -27.33 24.09
N THR A 304 3.56 -28.67 24.15
CA THR A 304 4.24 -29.45 23.12
C THR A 304 3.48 -29.43 21.82
N ARG A 305 2.15 -29.62 21.88
CA ARG A 305 1.34 -29.57 20.66
C ARG A 305 1.45 -28.22 19.97
N LEU A 306 1.58 -27.13 20.74
CA LEU A 306 1.73 -25.82 20.13
C LEU A 306 3.12 -25.64 19.53
N HIS A 307 4.15 -26.12 20.23
CA HIS A 307 5.51 -26.03 19.68
C HIS A 307 5.64 -26.88 18.43
N LYS A 308 5.04 -28.08 18.43
CA LYS A 308 5.05 -28.94 17.25
C LYS A 308 4.21 -28.36 16.12
N LEU A 309 3.13 -27.66 16.46
CA LEU A 309 2.27 -27.08 15.43
C LEU A 309 3.01 -26.05 14.60
N SER A 310 3.67 -25.10 15.27
CA SER A 310 4.37 -24.05 14.53
C SER A 310 5.58 -24.59 13.80
N ALA A 311 6.26 -25.60 14.38
CA ALA A 311 7.45 -26.15 13.74
C ALA A 311 7.08 -26.83 12.41
N ARG A 312 6.08 -27.70 12.43
CA ARG A 312 5.63 -28.33 11.19
C ARG A 312 5.05 -27.31 10.23
N ARG A 313 4.54 -26.19 10.75
CA ARG A 313 4.10 -25.10 9.87
C ARG A 313 5.30 -24.38 9.27
N GLU A 314 6.37 -24.21 10.05
CA GLU A 314 7.55 -23.50 9.54
C GLU A 314 8.23 -24.27 8.41
N GLU A 315 8.35 -25.60 8.56
CA GLU A 315 9.06 -26.36 7.54
C GLU A 315 8.27 -26.44 6.23
N ARG A 316 6.93 -26.51 6.32
CA ARG A 316 6.11 -26.46 5.11
C ARG A 316 6.31 -25.16 4.36
N VAL A 317 6.17 -24.02 5.04
CA VAL A 317 6.30 -22.75 4.33
C VAL A 317 7.72 -22.56 3.83
N GLN A 318 8.72 -23.05 4.57
CA GLN A 318 10.11 -22.93 4.12
C GLN A 318 10.35 -23.76 2.88
N GLY A 319 9.79 -24.98 2.84
CA GLY A 319 9.89 -25.77 1.62
C GLY A 319 9.07 -25.20 0.48
N PHE A 320 7.95 -24.54 0.80
CA PHE A 320 7.14 -23.90 -0.24
C PHE A 320 7.91 -22.77 -0.91
N LEU A 321 8.64 -21.98 -0.12
CA LEU A 321 9.30 -20.80 -0.66
C LEU A 321 10.51 -21.18 -1.53
N GLN A 322 11.25 -22.22 -1.13
CA GLN A 322 12.35 -22.69 -1.95
C GLN A 322 11.87 -23.11 -3.34
N ALA A 323 10.67 -23.70 -3.41
CA ALA A 323 10.08 -24.02 -4.70
C ALA A 323 9.65 -22.77 -5.46
N LEU A 324 9.13 -21.78 -4.74
CA LEU A 324 8.66 -20.56 -5.40
C LEU A 324 9.81 -19.77 -6.00
N GLU A 325 10.93 -19.67 -5.28
CA GLU A 325 12.11 -19.02 -5.83
C GLU A 325 12.68 -19.83 -6.99
N LEU A 326 12.73 -21.15 -6.85
CA LEU A 326 13.21 -22.00 -7.93
C LEU A 326 12.37 -21.80 -9.19
N LYS A 327 11.04 -21.76 -9.05
CA LYS A 327 10.20 -21.50 -10.21
C LYS A 327 10.47 -20.11 -10.77
N ARG A 328 10.70 -19.14 -9.88
CA ARG A 328 11.00 -17.78 -10.32
C ARG A 328 12.41 -17.66 -10.89
N ALA A 329 13.33 -18.54 -10.50
CA ALA A 329 14.69 -18.50 -11.03
C ALA A 329 14.80 -19.16 -12.39
N ASP A 330 14.00 -20.20 -12.63
CA ASP A 330 13.91 -20.85 -13.94
C ASP A 330 13.63 -19.83 -15.01
N TRP A 331 14.65 -19.44 -15.79
CA TRP A 331 14.45 -18.36 -16.76
C TRP A 331 15.12 -18.71 -18.08
N LEU A 332 14.32 -19.25 -18.98
CA LEU A 332 14.69 -19.36 -20.37
C LEU A 332 14.99 -17.99 -20.97
N ALA A 333 14.40 -16.92 -20.41
CA ALA A 333 14.48 -15.54 -20.93
C ALA A 333 15.88 -14.92 -20.88
N ARG A 334 16.72 -15.28 -19.90
CA ARG A 334 18.06 -14.73 -19.86
C ARG A 334 18.97 -15.31 -20.94
N LEU A 335 18.65 -16.50 -21.44
CA LEU A 335 19.43 -17.13 -22.50
C LEU A 335 19.34 -16.33 -23.79
N ALA B 15 -39.29 21.68 11.00
CA ALA B 15 -38.54 21.74 9.74
C ALA B 15 -37.48 22.84 9.80
N ALA B 16 -36.22 22.60 9.41
CA ALA B 16 -35.64 21.35 8.87
C ALA B 16 -36.40 20.69 7.68
N HIS B 17 -36.35 21.19 6.44
CA HIS B 17 -35.61 22.33 5.85
C HIS B 17 -34.09 22.17 5.80
N HIS B 18 -33.42 22.16 6.96
CA HIS B 18 -31.97 21.98 6.99
C HIS B 18 -31.52 20.78 6.20
N ARG B 19 -32.36 19.73 6.12
CA ARG B 19 -32.04 18.58 5.30
C ARG B 19 -31.94 18.97 3.83
N MET B 20 -32.81 19.88 3.37
CA MET B 20 -32.75 20.32 1.98
C MET B 20 -31.50 21.17 1.71
N ARG B 21 -31.11 21.99 2.69
CA ARG B 21 -29.94 22.84 2.52
C ARG B 21 -28.66 22.02 2.40
N TRP B 22 -28.53 21.00 3.24
CA TRP B 22 -27.36 20.13 3.17
C TRP B 22 -27.34 19.31 1.89
N ARG B 23 -28.52 18.87 1.43
CA ARG B 23 -28.59 18.15 0.17
C ARG B 23 -28.20 19.04 -0.99
N ALA B 24 -28.58 20.32 -0.93
CA ALA B 24 -28.19 21.27 -1.97
C ALA B 24 -26.70 21.55 -1.94
N ASP B 25 -26.05 21.37 -0.79
CA ASP B 25 -24.59 21.54 -0.72
C ASP B 25 -23.89 20.38 -1.40
N GLY B 26 -24.32 19.15 -1.11
CA GLY B 26 -23.73 17.99 -1.75
C GLY B 26 -23.97 17.96 -3.25
N ARG B 27 -25.16 18.39 -3.68
CA ARG B 27 -25.47 18.40 -5.11
C ARG B 27 -24.73 19.49 -5.86
N SER B 28 -24.27 20.54 -5.18
CA SER B 28 -23.57 21.63 -5.85
C SER B 28 -22.13 21.27 -6.21
N LEU B 29 -21.57 20.24 -5.57
CA LEU B 29 -20.20 19.86 -5.85
C LEU B 29 -20.10 19.15 -7.20
N GLU B 30 -18.96 19.34 -7.87
CA GLU B 30 -18.73 18.68 -9.14
C GLU B 30 -18.89 17.16 -9.00
N LYS B 31 -18.43 16.61 -7.88
CA LYS B 31 -18.71 15.22 -7.56
C LYS B 31 -18.62 15.07 -6.05
N LEU B 32 -19.24 14.00 -5.57
CA LEU B 32 -19.35 13.66 -4.17
C LEU B 32 -18.90 12.21 -3.99
N PRO B 33 -18.24 11.89 -2.88
CA PRO B 33 -17.90 10.49 -2.64
C PRO B 33 -19.13 9.65 -2.38
N VAL B 34 -19.13 8.43 -2.92
CA VAL B 34 -20.14 7.45 -2.55
C VAL B 34 -19.73 6.75 -1.25
N HIS B 35 -18.46 6.39 -1.13
CA HIS B 35 -17.89 5.83 0.09
C HIS B 35 -16.79 6.76 0.57
N MET B 36 -16.86 7.15 1.84
CA MET B 36 -15.81 7.96 2.45
C MET B 36 -15.25 7.26 3.68
N GLY B 37 -13.94 7.32 3.84
CA GLY B 37 -13.27 6.83 5.02
C GLY B 37 -12.83 7.98 5.92
N LEU B 38 -12.90 7.73 7.22
CA LEU B 38 -12.45 8.70 8.23
C LEU B 38 -11.36 8.00 9.04
N VAL B 39 -10.12 8.36 8.78
CA VAL B 39 -8.98 7.75 9.45
C VAL B 39 -8.50 8.70 10.55
N ILE B 40 -8.62 8.26 11.79
CA ILE B 40 -8.21 9.04 12.96
C ILE B 40 -6.89 8.48 13.43
N THR B 41 -5.81 9.26 13.24
CA THR B 41 -4.47 8.79 13.51
C THR B 41 -4.01 9.06 14.94
N GLU B 42 -4.68 9.95 15.66
CA GLU B 42 -4.40 10.20 17.07
C GLU B 42 -5.63 9.87 17.88
N VAL B 43 -5.50 8.91 18.79
CA VAL B 43 -6.60 8.46 19.62
C VAL B 43 -6.57 9.24 20.93
N GLU B 44 -7.68 9.91 21.23
CA GLU B 44 -7.79 10.71 22.44
C GLU B 44 -8.17 9.82 23.63
N GLN B 45 -7.78 10.27 24.83
CA GLN B 45 -8.00 9.48 26.04
C GLN B 45 -9.46 9.08 26.19
N GLU B 46 -10.34 10.08 26.33
CA GLU B 46 -11.78 9.85 26.24
C GLU B 46 -12.19 10.12 24.81
N PRO B 47 -12.53 9.10 24.01
CA PRO B 47 -12.78 9.33 22.58
C PRO B 47 -13.82 10.40 22.32
N SER B 48 -13.52 11.27 21.35
CA SER B 48 -14.41 12.37 20.97
C SER B 48 -15.44 11.87 19.97
N PHE B 49 -16.37 11.06 20.49
CA PHE B 49 -17.43 10.52 19.66
C PHE B 49 -18.26 11.62 19.00
N SER B 50 -18.52 12.70 19.74
CA SER B 50 -19.36 13.77 19.20
C SER B 50 -18.80 14.35 17.92
N ASP B 51 -17.48 14.62 17.87
CA ASP B 51 -16.86 15.11 16.65
C ASP B 51 -16.93 14.07 15.54
N ILE B 52 -16.64 12.82 15.87
CA ILE B 52 -16.76 11.75 14.88
C ILE B 52 -18.19 11.63 14.40
N ALA B 53 -19.14 11.67 15.33
CA ALA B 53 -20.55 11.55 14.97
C ALA B 53 -21.01 12.72 14.11
N SER B 54 -20.48 13.92 14.37
CA SER B 54 -20.83 15.08 13.54
C SER B 54 -20.36 14.89 12.11
N LEU B 55 -19.15 14.37 11.92
CA LEU B 55 -18.65 14.14 10.56
C LEU B 55 -19.52 13.14 9.82
N VAL B 56 -19.85 12.03 10.49
CA VAL B 56 -20.70 11.00 9.90
C VAL B 56 -22.05 11.59 9.50
N VAL B 57 -22.64 12.40 10.37
CA VAL B 57 -23.96 12.96 10.10
C VAL B 57 -23.89 13.95 8.94
N TRP B 58 -22.79 14.69 8.83
CA TRP B 58 -22.62 15.61 7.72
C TRP B 58 -22.54 14.87 6.39
N CYS B 59 -21.75 13.78 6.32
CA CYS B 59 -21.71 12.98 5.10
C CYS B 59 -23.09 12.50 4.72
N MET B 60 -23.85 12.00 5.69
CA MET B 60 -25.20 11.52 5.39
C MET B 60 -26.11 12.64 4.93
N ALA B 61 -26.02 13.80 5.56
CA ALA B 61 -26.86 14.94 5.18
C ALA B 61 -26.51 15.45 3.78
N VAL B 62 -25.23 15.43 3.39
CA VAL B 62 -24.87 15.94 2.08
C VAL B 62 -25.06 14.90 0.98
N GLY B 63 -25.20 13.63 1.33
CA GLY B 63 -25.58 12.62 0.35
C GLY B 63 -24.59 11.49 0.14
N ILE B 64 -23.63 11.33 1.05
CA ILE B 64 -22.65 10.26 0.93
C ILE B 64 -23.25 8.97 1.48
N SER B 65 -23.17 7.88 0.70
CA SER B 65 -23.91 6.67 1.03
C SER B 65 -23.23 5.81 2.09
N TYR B 66 -21.89 5.76 2.11
CA TYR B 66 -21.17 4.89 3.01
C TYR B 66 -20.08 5.68 3.71
N ILE B 67 -19.94 5.46 5.02
CA ILE B 67 -18.89 6.10 5.82
C ILE B 67 -18.23 5.01 6.66
N SER B 68 -16.90 4.92 6.56
CA SER B 68 -16.11 3.98 7.34
C SER B 68 -15.26 4.75 8.32
N VAL B 69 -15.39 4.42 9.60
CA VAL B 69 -14.63 5.04 10.68
C VAL B 69 -13.48 4.12 11.05
N TYR B 70 -12.29 4.67 11.23
CA TYR B 70 -11.08 3.87 11.39
C TYR B 70 -10.12 4.49 12.39
N ASP B 71 -9.55 3.65 13.27
CA ASP B 71 -8.35 4.01 14.03
C ASP B 71 -7.49 2.76 14.20
N HIS B 72 -6.18 2.98 14.25
N HIS B 72 -6.18 2.97 14.26
CA HIS B 72 -5.22 1.88 14.20
CA HIS B 72 -5.25 1.85 14.18
C HIS B 72 -5.28 0.99 15.43
C HIS B 72 -5.20 1.03 15.46
N GLN B 73 -5.72 1.53 16.57
CA GLN B 73 -5.78 0.77 17.80
C GLN B 73 -7.15 0.18 18.05
N GLY B 74 -8.10 0.38 17.15
CA GLY B 74 -9.40 -0.26 17.24
C GLY B 74 -10.26 0.25 18.37
N ILE B 75 -10.06 1.50 18.78
CA ILE B 75 -10.81 2.04 19.91
C ILE B 75 -12.28 2.21 19.54
N PHE B 76 -12.55 2.80 18.36
CA PHE B 76 -13.93 2.97 17.94
C PHE B 76 -14.64 1.64 17.72
N LYS B 77 -13.89 0.61 17.32
CA LYS B 77 -14.49 -0.72 17.21
C LYS B 77 -14.80 -1.30 18.58
N ARG B 78 -13.94 -1.02 19.56
CA ARG B 78 -14.21 -1.45 20.94
C ARG B 78 -15.32 -0.63 21.58
N ASN B 79 -15.50 0.62 21.16
CA ASN B 79 -16.54 1.49 21.71
C ASN B 79 -17.59 1.77 20.65
N ASN B 80 -18.11 0.71 20.03
CA ASN B 80 -18.97 0.87 18.86
C ASN B 80 -20.32 1.48 19.22
N SER B 81 -20.93 1.01 20.32
CA SER B 81 -22.29 1.43 20.64
C SER B 81 -22.34 2.85 21.15
N ARG B 82 -21.30 3.28 21.88
CA ARG B 82 -21.20 4.68 22.26
C ARG B 82 -21.12 5.60 21.05
N LEU B 83 -20.50 5.13 19.97
CA LEU B 83 -20.40 5.95 18.76
C LEU B 83 -21.71 5.97 17.99
N MET B 84 -22.35 4.81 17.81
CA MET B 84 -23.64 4.79 17.12
C MET B 84 -24.68 5.58 17.89
N ASP B 85 -24.67 5.49 19.22
CA ASP B 85 -25.58 6.29 20.04
C ASP B 85 -25.38 7.77 19.78
N GLU B 86 -24.13 8.22 19.73
CA GLU B 86 -23.86 9.64 19.51
C GLU B 86 -24.27 10.06 18.12
N ILE B 87 -24.08 9.17 17.13
CA ILE B 87 -24.51 9.47 15.76
C ILE B 87 -26.02 9.65 15.71
N LEU B 88 -26.76 8.71 16.27
CA LEU B 88 -28.22 8.78 16.21
C LEU B 88 -28.78 9.91 17.05
N LYS B 89 -28.11 10.27 18.15
CA LYS B 89 -28.50 11.45 18.91
C LYS B 89 -28.33 12.71 18.06
N GLN B 90 -27.15 12.87 17.45
CA GLN B 90 -26.92 14.05 16.64
C GLN B 90 -27.70 14.02 15.34
N GLN B 91 -28.14 12.86 14.88
CA GLN B 91 -28.90 12.79 13.65
C GLN B 91 -30.36 13.18 13.87
N GLN B 92 -30.91 12.92 15.06
CA GLN B 92 -32.26 13.38 15.37
C GLN B 92 -32.36 14.89 15.24
N GLU B 93 -31.52 15.61 15.97
CA GLU B 93 -31.40 17.05 15.77
C GLU B 93 -30.84 17.36 14.39
N LEU B 94 -31.56 18.19 13.63
CA LEU B 94 -31.19 18.51 12.24
C LEU B 94 -31.13 17.26 11.38
N ASP B 102 -40.11 5.92 14.97
CA ASP B 102 -39.42 5.32 13.84
C ASP B 102 -37.93 5.20 14.09
N LYS B 103 -37.55 4.87 15.32
CA LYS B 103 -36.13 4.72 15.65
C LYS B 103 -35.51 3.54 14.93
N ASP B 104 -36.28 2.45 14.73
CA ASP B 104 -35.72 1.26 14.09
C ASP B 104 -35.27 1.55 12.67
N ASP B 105 -36.04 2.34 11.92
CA ASP B 105 -35.64 2.74 10.58
C ASP B 105 -34.42 3.65 10.63
N GLN B 106 -34.36 4.56 11.60
CA GLN B 106 -33.19 5.42 11.74
C GLN B 106 -31.96 4.63 12.20
N VAL B 107 -32.17 3.53 12.94
CA VAL B 107 -31.03 2.76 13.44
C VAL B 107 -30.42 1.93 12.31
N LEU B 108 -31.24 1.13 11.63
CA LEU B 108 -30.73 0.29 10.55
C LEU B 108 -30.19 1.10 9.39
N ASN B 109 -30.71 2.32 9.18
CA ASN B 109 -30.17 3.19 8.14
C ASN B 109 -28.73 3.59 8.44
N CYS B 110 -28.37 3.69 9.72
CA CYS B 110 -26.98 3.98 10.09
C CYS B 110 -26.13 2.73 10.21
N HIS B 111 -26.72 1.59 10.57
CA HIS B 111 -25.97 0.34 10.58
C HIS B 111 -25.54 -0.07 9.17
N LEU B 112 -26.30 0.34 8.16
CA LEU B 112 -26.00 -0.02 6.78
C LEU B 112 -25.05 0.96 6.11
N ALA B 113 -25.09 2.23 6.51
CA ALA B 113 -24.24 3.25 5.92
C ALA B 113 -22.93 3.46 6.65
N VAL B 114 -22.86 3.08 7.93
CA VAL B 114 -21.69 3.30 8.77
C VAL B 114 -21.07 1.95 9.09
N LYS B 115 -19.77 1.84 8.88
CA LYS B 115 -18.97 0.72 9.36
C LYS B 115 -17.83 1.26 10.20
N VAL B 116 -17.53 0.58 11.30
CA VAL B 116 -16.43 0.96 12.18
C VAL B 116 -15.34 -0.07 11.98
N LEU B 117 -14.21 0.37 11.43
CA LEU B 117 -13.15 -0.52 10.99
C LEU B 117 -11.90 -0.40 11.87
N SER B 118 -11.03 -1.37 11.69
CA SER B 118 -9.78 -1.47 12.44
C SER B 118 -8.79 -2.21 11.56
N PRO B 119 -7.51 -2.29 11.98
CA PRO B 119 -6.52 -3.01 11.16
C PRO B 119 -6.93 -4.39 10.66
N GLU B 120 -7.64 -5.20 11.48
CA GLU B 120 -8.01 -6.54 11.04
C GLU B 120 -8.86 -6.51 9.77
N ASP B 121 -9.49 -5.38 9.47
CA ASP B 121 -10.33 -5.29 8.28
C ASP B 121 -9.51 -5.07 7.01
N GLY B 122 -8.21 -4.86 7.13
CA GLY B 122 -7.36 -4.70 5.97
C GLY B 122 -6.61 -5.96 5.60
N LYS B 123 -5.38 -6.09 6.08
CA LYS B 123 -4.52 -7.20 5.67
C LYS B 123 -5.03 -8.54 6.18
N ALA B 124 -5.58 -8.56 7.40
CA ALA B 124 -6.10 -9.81 7.95
C ALA B 124 -7.30 -10.32 7.15
N ASP B 125 -8.05 -9.42 6.52
CA ASP B 125 -9.18 -9.81 5.69
C ASP B 125 -8.72 -10.34 4.34
N ILE B 126 -7.68 -9.74 3.76
CA ILE B 126 -7.11 -10.27 2.52
C ILE B 126 -6.54 -11.66 2.77
N VAL B 127 -5.97 -11.89 3.96
CA VAL B 127 -5.47 -13.22 4.28
C VAL B 127 -6.62 -14.20 4.46
N ARG B 128 -7.73 -13.74 5.03
CA ARG B 128 -8.91 -14.59 5.16
C ARG B 128 -9.44 -15.01 3.80
N ALA B 129 -9.45 -14.09 2.83
CA ALA B 129 -9.90 -14.43 1.50
C ALA B 129 -8.93 -15.38 0.80
N ALA B 130 -7.64 -15.28 1.10
CA ALA B 130 -6.68 -16.19 0.51
C ALA B 130 -6.84 -17.60 1.07
N GLN B 131 -7.12 -17.71 2.37
CA GLN B 131 -7.31 -19.03 2.96
C GLN B 131 -8.53 -19.73 2.39
N ASP B 132 -9.63 -18.98 2.24
CA ASP B 132 -10.87 -19.57 1.73
C ASP B 132 -10.72 -20.02 0.28
N PHE B 133 -10.03 -19.22 -0.55
CA PHE B 133 -9.83 -19.63 -1.94
C PHE B 133 -8.85 -20.79 -2.02
N CYS B 134 -7.78 -20.77 -1.23
CA CYS B 134 -6.86 -21.89 -1.19
C CYS B 134 -7.50 -23.13 -0.59
N GLN B 135 -8.58 -22.95 0.18
CA GLN B 135 -9.36 -24.09 0.65
C GLN B 135 -10.13 -24.74 -0.49
N LEU B 136 -10.51 -23.96 -1.49
CA LEU B 136 -11.23 -24.49 -2.65
C LEU B 136 -10.28 -25.12 -3.67
N VAL B 137 -9.07 -24.58 -3.78
CA VAL B 137 -8.04 -25.24 -4.59
C VAL B 137 -7.73 -26.61 -4.02
N ALA B 138 -7.77 -26.76 -2.69
CA ALA B 138 -7.51 -28.04 -2.07
C ALA B 138 -8.66 -29.02 -2.31
N GLN B 139 -9.88 -28.52 -2.45
CA GLN B 139 -11.04 -29.36 -2.69
C GLN B 139 -11.36 -29.53 -4.17
N LYS B 140 -10.45 -29.11 -5.05
CA LYS B 140 -10.59 -29.24 -6.50
C LYS B 140 -11.79 -28.46 -7.03
N GLN B 141 -12.32 -27.52 -6.24
CA GLN B 141 -13.43 -26.69 -6.68
C GLN B 141 -12.97 -25.47 -7.46
N LYS B 142 -11.68 -25.13 -7.44
CA LYS B 142 -11.19 -23.96 -8.13
C LYS B 142 -9.71 -24.15 -8.46
N ARG B 143 -9.26 -23.44 -9.49
CA ARG B 143 -7.87 -23.51 -9.89
C ARG B 143 -7.16 -22.20 -9.57
N PRO B 144 -5.85 -22.25 -9.25
CA PRO B 144 -5.13 -21.02 -8.93
C PRO B 144 -5.25 -19.96 -10.01
N THR B 145 -5.25 -20.39 -11.28
CA THR B 145 -5.38 -19.48 -12.40
C THR B 145 -6.73 -18.77 -12.44
N ASP B 146 -7.74 -19.30 -11.75
CA ASP B 146 -9.07 -18.69 -11.74
C ASP B 146 -9.17 -17.49 -10.81
N LEU B 147 -8.07 -17.08 -10.18
CA LEU B 147 -8.04 -15.95 -9.26
C LEU B 147 -7.38 -14.77 -9.96
N ASP B 148 -8.17 -14.00 -10.71
CA ASP B 148 -7.70 -12.73 -11.23
C ASP B 148 -8.01 -11.63 -10.23
N VAL B 149 -7.61 -10.39 -10.55
CA VAL B 149 -7.83 -9.31 -9.58
C VAL B 149 -9.32 -9.04 -9.42
N ASP B 150 -10.11 -9.32 -10.45
CA ASP B 150 -11.54 -9.10 -10.33
C ASP B 150 -12.20 -10.14 -9.43
N THR B 151 -11.68 -11.37 -9.41
CA THR B 151 -12.23 -12.38 -8.52
C THR B 151 -11.87 -12.09 -7.06
N LEU B 152 -10.61 -11.72 -6.81
CA LEU B 152 -10.20 -11.44 -5.43
C LEU B 152 -11.01 -10.31 -4.84
N ALA B 153 -11.30 -9.27 -5.63
CA ALA B 153 -12.06 -8.13 -5.14
C ALA B 153 -13.44 -8.55 -4.63
N SER B 154 -14.11 -9.47 -5.33
CA SER B 154 -15.42 -9.90 -4.89
C SER B 154 -15.38 -10.83 -3.68
N LEU B 155 -14.20 -11.33 -3.30
CA LEU B 155 -14.09 -12.23 -2.17
C LEU B 155 -13.79 -11.50 -0.86
N LEU B 156 -13.68 -10.18 -0.87
CA LEU B 156 -13.36 -9.47 0.35
C LEU B 156 -14.64 -9.18 1.16
N SER B 157 -14.44 -8.71 2.39
CA SER B 157 -15.57 -8.44 3.27
C SER B 157 -16.51 -7.39 2.69
N SER B 158 -15.94 -6.37 2.04
CA SER B 158 -16.75 -5.34 1.38
C SER B 158 -16.99 -5.72 -0.08
N ASN B 159 -17.63 -6.88 -0.26
CA ASN B 159 -17.91 -7.34 -1.61
C ASN B 159 -19.03 -6.55 -2.27
N GLY B 160 -20.03 -6.13 -1.49
CA GLY B 160 -21.17 -5.42 -2.05
C GLY B 160 -21.19 -3.93 -1.76
N CYS B 161 -20.02 -3.35 -1.50
CA CYS B 161 -19.89 -1.93 -1.17
C CYS B 161 -18.72 -1.35 -1.93
N PRO B 162 -18.86 -0.18 -2.54
CA PRO B 162 -17.78 0.37 -3.38
C PRO B 162 -16.54 0.71 -2.57
N ASP B 163 -15.43 0.84 -3.29
CA ASP B 163 -14.19 1.29 -2.69
C ASP B 163 -14.31 2.75 -2.27
N PRO B 164 -13.60 3.16 -1.22
CA PRO B 164 -13.64 4.57 -0.80
C PRO B 164 -13.12 5.49 -1.88
N ASP B 165 -13.93 6.49 -2.23
CA ASP B 165 -13.49 7.54 -3.15
C ASP B 165 -12.59 8.54 -2.42
N LEU B 166 -13.01 8.98 -1.24
CA LEU B 166 -12.30 9.98 -0.48
C LEU B 166 -12.00 9.42 0.89
N VAL B 167 -10.80 9.74 1.39
CA VAL B 167 -10.42 9.49 2.78
C VAL B 167 -10.06 10.82 3.39
N LEU B 168 -10.72 11.17 4.49
CA LEU B 168 -10.30 12.26 5.34
C LEU B 168 -9.42 11.68 6.44
N LYS B 169 -8.15 12.09 6.46
CA LYS B 169 -7.19 11.63 7.45
C LYS B 169 -6.94 12.76 8.44
N PHE B 170 -7.21 12.50 9.72
CA PHE B 170 -7.07 13.49 10.79
C PHE B 170 -5.90 13.14 11.70
N GLY B 171 -5.24 14.18 12.21
CA GLY B 171 -4.17 14.00 13.17
C GLY B 171 -2.79 14.19 12.56
N PRO B 172 -1.75 13.88 13.34
CA PRO B 172 -0.38 14.23 12.96
C PRO B 172 0.39 13.14 12.22
N VAL B 173 -0.19 11.97 11.95
CA VAL B 173 0.54 10.84 11.39
C VAL B 173 0.33 10.81 9.88
N ASP B 174 1.44 10.76 9.14
CA ASP B 174 1.41 10.78 7.67
C ASP B 174 1.40 9.35 7.12
N SER B 175 0.41 8.58 7.57
CA SER B 175 0.26 7.20 7.15
C SER B 175 -1.22 6.82 7.24
N THR B 176 -1.62 5.90 6.35
CA THR B 176 -2.96 5.33 6.45
C THR B 176 -3.05 4.28 7.55
N LEU B 177 -1.92 3.90 8.12
CA LEU B 177 -1.90 2.97 9.22
C LEU B 177 -2.67 1.67 9.02
N GLY B 178 -2.46 1.04 7.87
CA GLY B 178 -3.11 -0.23 7.56
C GLY B 178 -4.59 -0.21 7.24
N PHE B 179 -5.11 0.92 6.78
CA PHE B 179 -6.51 1.00 6.47
C PHE B 179 -6.82 0.54 5.06
N LEU B 180 -7.53 -0.58 4.95
CA LEU B 180 -8.04 -1.09 3.68
C LEU B 180 -7.09 -1.09 2.50
N PRO B 181 -5.87 -1.54 2.70
CA PRO B 181 -4.83 -1.34 1.69
C PRO B 181 -5.27 -1.68 0.29
N TRP B 182 -6.04 -2.72 0.14
CA TRP B 182 -6.53 -3.14 -1.16
C TRP B 182 -7.52 -2.17 -1.81
N HIS B 183 -8.34 -1.53 -1.00
CA HIS B 183 -9.44 -0.72 -1.51
C HIS B 183 -9.05 0.71 -1.82
N ILE B 184 -7.91 1.18 -1.30
CA ILE B 184 -7.53 2.59 -1.45
C ILE B 184 -6.60 2.80 -2.62
N ARG B 185 -6.68 1.93 -3.64
CA ARG B 185 -5.77 2.05 -4.78
C ARG B 185 -5.94 3.38 -5.51
N LEU B 186 -7.15 3.95 -5.51
CA LEU B 186 -7.42 5.19 -6.21
C LEU B 186 -8.07 6.22 -5.32
N THR B 187 -8.22 5.92 -4.03
CA THR B 187 -8.82 6.84 -3.09
C THR B 187 -8.02 8.14 -3.00
N GLU B 188 -8.72 9.27 -3.11
CA GLU B 188 -8.11 10.55 -2.78
C GLU B 188 -7.98 10.67 -1.27
N ILE B 189 -6.79 11.08 -0.82
CA ILE B 189 -6.46 11.18 0.60
C ILE B 189 -6.25 12.65 0.92
N VAL B 190 -7.16 13.24 1.69
CA VAL B 190 -7.08 14.64 2.09
C VAL B 190 -6.81 14.69 3.58
N SER B 191 -5.88 15.54 3.99
CA SER B 191 -5.40 15.58 5.36
C SER B 191 -5.90 16.83 6.06
N LEU B 192 -6.38 16.65 7.29
CA LEU B 192 -6.78 17.73 8.17
C LEU B 192 -6.04 17.53 9.48
N PRO B 193 -5.56 18.62 10.10
CA PRO B 193 -4.67 18.44 11.26
C PRO B 193 -5.35 17.84 12.49
N SER B 194 -6.67 17.94 12.62
CA SER B 194 -7.34 17.37 13.77
C SER B 194 -8.84 17.36 13.52
N HIS B 195 -9.51 16.38 14.15
CA HIS B 195 -10.96 16.29 14.14
C HIS B 195 -11.59 16.91 15.39
N LEU B 196 -10.79 17.46 16.30
CA LEU B 196 -11.21 17.65 17.68
C LEU B 196 -12.32 18.69 17.86
N ASN B 197 -12.36 19.73 17.05
CA ASN B 197 -13.51 20.62 17.08
C ASN B 197 -13.98 20.92 15.67
N ILE B 198 -14.05 19.88 14.83
CA ILE B 198 -14.22 20.07 13.40
C ILE B 198 -15.50 20.83 13.12
N SER B 199 -15.42 21.76 12.16
CA SER B 199 -16.55 22.56 11.74
C SER B 199 -17.02 22.11 10.36
N TYR B 200 -18.29 22.40 10.08
CA TYR B 200 -18.85 22.05 8.77
C TYR B 200 -18.05 22.68 7.64
N GLU B 201 -17.61 23.92 7.82
CA GLU B 201 -16.86 24.60 6.76
C GLU B 201 -15.55 23.88 6.47
N ASP B 202 -14.88 23.38 7.51
CA ASP B 202 -13.65 22.62 7.29
C ASP B 202 -13.94 21.31 6.57
N PHE B 203 -14.97 20.61 7.02
CA PHE B 203 -15.36 19.35 6.38
C PHE B 203 -15.75 19.58 4.93
N PHE B 204 -16.54 20.63 4.66
CA PHE B 204 -16.99 20.87 3.29
C PHE B 204 -15.87 21.39 2.41
N SER B 205 -14.88 22.06 3.01
CA SER B 205 -13.71 22.46 2.23
C SER B 205 -12.96 21.25 1.69
N ALA B 206 -12.84 20.21 2.50
CA ALA B 206 -12.22 18.97 2.02
C ALA B 206 -13.05 18.33 0.92
N LEU B 207 -14.37 18.51 0.96
CA LEU B 207 -15.24 17.99 -0.09
C LEU B 207 -15.03 18.73 -1.40
N ARG B 208 -14.80 20.05 -1.32
CA ARG B 208 -14.47 20.82 -2.52
C ARG B 208 -13.16 20.35 -3.13
N GLN B 209 -12.19 20.00 -2.30
CA GLN B 209 -10.93 19.48 -2.82
C GLN B 209 -11.16 18.17 -3.57
N TYR B 210 -11.98 17.28 -3.02
CA TYR B 210 -12.25 16.03 -3.72
C TYR B 210 -13.02 16.27 -5.02
N ALA B 211 -13.99 17.19 -4.99
CA ALA B 211 -14.77 17.47 -6.19
C ALA B 211 -13.89 17.94 -7.34
N ALA B 212 -12.82 18.68 -7.04
CA ALA B 212 -11.91 19.20 -8.04
C ALA B 212 -10.82 18.20 -8.43
N CYS B 213 -10.77 17.04 -7.79
CA CYS B 213 -9.76 16.06 -8.12
C CYS B 213 -10.04 15.49 -9.50
N GLU B 214 -8.98 14.97 -10.14
CA GLU B 214 -9.08 14.45 -11.50
C GLU B 214 -8.36 13.12 -11.57
N GLN B 215 -9.05 12.12 -12.10
CA GLN B 215 -8.54 10.77 -12.23
C GLN B 215 -8.54 10.40 -13.72
N ARG B 216 -7.36 10.15 -14.28
CA ARG B 216 -7.25 9.84 -15.69
C ARG B 216 -7.18 8.34 -15.96
N LEU B 217 -7.07 7.51 -14.91
CA LEU B 217 -7.16 6.06 -15.03
C LEU B 217 -6.10 5.50 -15.99
N GLY B 218 -4.86 5.90 -15.77
CA GLY B 218 -3.73 5.44 -16.56
C GLY B 218 -3.50 6.20 -17.85
N LYS B 219 -4.53 6.84 -18.41
CA LYS B 219 -4.40 7.50 -19.70
C LYS B 219 -3.69 8.86 -19.59
S SO4 C . -3.31 8.26 -12.03
O1 SO4 C . -4.46 8.71 -12.82
O2 SO4 C . -2.41 9.39 -11.80
O3 SO4 C . -3.79 7.74 -10.75
O4 SO4 C . -2.60 7.20 -12.75
MG MG D . 0.78 11.38 -14.35
C1 GGS E . 4.04 9.11 -14.79
S1 GGS E . 4.48 10.75 -15.43
C2 GGS E . 5.18 8.21 -15.15
C3 GGS E . 5.23 7.60 -16.31
C4 GGS E . 4.09 7.75 -17.30
C5 GGS E . 6.42 6.72 -16.61
C6 GGS E . 7.50 6.96 -15.56
C7 GGS E . 8.54 7.90 -16.15
C8 GGS E . 9.82 7.60 -16.15
C9 GGS E . 10.31 6.28 -15.56
PA GGS E . 2.87 11.25 -16.67
PB GGS E . 1.42 13.73 -16.29
C10 GGS E . 10.82 8.57 -16.75
C11 GGS E . 11.83 6.37 -15.31
C12 GGS E . 12.54 5.70 -16.48
C13 GGS E . 12.94 4.46 -16.42
C14 GGS E . 12.73 3.62 -15.17
C15 GGS E . 13.65 3.86 -17.63
C16 GGS E . 12.77 2.73 -18.18
C17 GGS E . 11.57 3.33 -18.91
C18 GGS E . 10.39 2.76 -18.77
C19 GGS E . 10.27 1.53 -17.88
O1A GGS E . 3.10 10.77 -18.08
O1B GGS E . 1.79 15.19 -16.23
C20 GGS E . 9.16 3.31 -19.49
O2A GGS E . 1.66 10.59 -16.09
O2B GGS E . 0.87 13.24 -14.97
O3A GGS E . 2.77 12.87 -16.65
O3B GGS E . 0.39 13.50 -17.37
#